data_3MZD
#
_entry.id   3MZD
#
_cell.length_a   109.84
_cell.length_b   50.23
_cell.length_c   84.03
_cell.angle_alpha   90.00
_cell.angle_beta   119.93
_cell.angle_gamma   90.00
#
_symmetry.space_group_name_H-M   'C 1 2 1'
#
loop_
_entity.id
_entity.type
_entity.pdbx_description
1 polymer 'D-alanyl-D-alanine carboxypeptidase dacA'
2 non-polymer '(2R,4S)-2-[(1S)-1-({[3-(2-chlorophenyl)-5-methyl-1,2-oxazol-4-yl]carbonyl}amino)-2-oxoethyl]-5,5-dimethyl-1,3-thiazolid ine-4-carboxylic acid'
3 non-polymer GLYCEROL
4 water water
#
_entity_poly.entity_id   1
_entity_poly.type   'polypeptide(L)'
_entity_poly.pdbx_seq_one_letter_code
;DDLNIKTMIPGVPQIDAESYILIDYNSGKVLAEQNADVRRDPASLTKMMTSYVIGQAMKAGKFKETDLVTIGNDAWATGN
PVFKGSSLMFLKPGMQVPVSQLIRGINLQSGNDACVAMADFAAGSQDAFVGLMNSYVNALGLKNTHFQTVHGLDADGQYS
SARDMALIGQALIRDVPNEYSIYKEKEFTFNGIRQLNRNGLLWDNSLNVDGIKTGHTDKAGYNLVASATEGQMRLISAVM
GGRTFKGREAESKKLLTWGFRFFETVNPLKVGKEFASEPVWFGDSDRASLGVDKDVYLTIPRGRMKDLKASYVLNSSELH
APLQKNQVVGTINFQLDGKTIEQRPLVVLQEIPEGNFGDPVID
;
_entity_poly.pdbx_strand_id   A
#
# COMPACT_ATOMS: atom_id res chain seq x y z
N ASN A 4 18.54 -7.46 28.24
CA ASN A 4 19.54 -7.08 27.19
C ASN A 4 19.24 -7.73 25.84
N ILE A 5 19.05 -9.06 25.85
CA ILE A 5 18.52 -9.79 24.71
C ILE A 5 17.07 -9.37 24.45
N LYS A 6 16.28 -9.37 25.52
CA LYS A 6 14.86 -9.05 25.44
C LYS A 6 14.57 -7.63 24.93
N THR A 7 15.40 -6.67 25.32
CA THR A 7 15.20 -5.27 24.97
C THR A 7 16.15 -4.71 23.88
N MET A 8 16.85 -5.59 23.18
CA MET A 8 17.78 -5.17 22.13
C MET A 8 17.05 -4.44 21.00
N ILE A 9 17.68 -3.40 20.47
CA ILE A 9 17.23 -2.76 19.24
C ILE A 9 18.17 -3.25 18.14
N PRO A 10 17.63 -3.97 17.13
CA PRO A 10 18.50 -4.53 16.08
C PRO A 10 19.09 -3.45 15.16
N GLY A 11 20.31 -3.68 14.69
CA GLY A 11 20.95 -2.78 13.74
C GLY A 11 20.33 -2.94 12.37
N VAL A 12 20.22 -1.84 11.62
CA VAL A 12 19.64 -1.89 10.28
C VAL A 12 20.76 -2.17 9.29
N PRO A 13 20.54 -3.07 8.31
CA PRO A 13 21.55 -3.27 7.27
C PRO A 13 21.76 -2.03 6.42
N GLN A 14 22.97 -1.90 5.89
CA GLN A 14 23.33 -0.78 5.03
C GLN A 14 22.67 -1.01 3.67
N ILE A 15 21.90 -0.03 3.22
CA ILE A 15 21.17 -0.18 1.95
C ILE A 15 21.78 0.76 0.92
N ASP A 16 22.18 0.20 -0.23
CA ASP A 16 22.89 0.91 -1.31
C ASP A 16 21.92 1.64 -2.24
N ALA A 17 21.28 2.66 -1.69
CA ALA A 17 20.26 3.44 -2.37
C ALA A 17 20.15 4.81 -1.72
N GLU A 18 19.61 5.76 -2.48
CA GLU A 18 19.41 7.12 -1.99
C GLU A 18 18.43 7.12 -0.81
N SER A 19 17.35 6.35 -0.93
CA SER A 19 16.30 6.38 0.07
C SER A 19 15.55 5.06 0.16
N TYR A 20 15.06 4.74 1.35
CA TYR A 20 14.20 3.57 1.53
C TYR A 20 13.26 3.75 2.69
N ILE A 21 12.31 2.81 2.77
CA ILE A 21 11.48 2.66 3.94
C ILE A 21 11.06 1.19 3.99
N LEU A 22 10.83 0.69 5.19
CA LEU A 22 10.22 -0.61 5.39
C LEU A 22 9.06 -0.43 6.37
N ILE A 23 7.86 -0.82 5.95
CA ILE A 23 6.67 -0.74 6.81
C ILE A 23 5.94 -2.06 6.94
N ASP A 24 5.21 -2.20 8.04
CA ASP A 24 4.22 -3.24 8.20
C ASP A 24 2.92 -2.76 7.57
N TYR A 25 2.38 -3.59 6.68
CA TYR A 25 1.15 -3.34 5.96
C TYR A 25 -0.08 -3.20 6.86
N ASN A 26 -0.15 -4.02 7.89
CA ASN A 26 -1.31 -4.03 8.77
C ASN A 26 -1.31 -2.93 9.83
N SER A 27 -0.17 -2.73 10.47
CA SER A 27 -0.01 -1.77 11.56
C SER A 27 0.37 -0.36 11.08
N GLY A 28 0.93 -0.26 9.88
CA GLY A 28 1.48 1.01 9.41
C GLY A 28 2.82 1.40 10.03
N LYS A 29 3.35 0.55 10.91
CA LYS A 29 4.59 0.85 11.63
C LYS A 29 5.81 0.92 10.68
N VAL A 30 6.60 1.98 10.82
CA VAL A 30 7.88 2.13 10.12
C VAL A 30 8.98 1.37 10.87
N LEU A 31 9.50 0.33 10.25
CA LEU A 31 10.49 -0.53 10.88
C LEU A 31 11.89 0.03 10.70
N ALA A 32 12.12 0.63 9.53
CA ALA A 32 13.37 1.28 9.19
C ALA A 32 13.12 2.28 8.07
N GLU A 33 13.96 3.32 8.02
CA GLU A 33 13.82 4.37 7.00
C GLU A 33 15.13 5.14 6.85
N GLN A 34 15.35 5.68 5.67
CA GLN A 34 16.43 6.65 5.42
C GLN A 34 16.01 7.55 4.28
N ASN A 35 15.95 8.86 4.52
CA ASN A 35 15.58 9.85 3.48
C ASN A 35 14.23 9.54 2.84
N ALA A 36 13.32 9.00 3.65
CA ALA A 36 12.04 8.47 3.20
C ALA A 36 11.06 9.54 2.66
N ASP A 37 11.32 10.80 2.97
CA ASP A 37 10.46 11.92 2.53
C ASP A 37 11.11 12.81 1.49
N VAL A 38 12.35 12.51 1.08
CA VAL A 38 13.01 13.25 -0.01
C VAL A 38 12.27 13.02 -1.34
N ARG A 39 12.00 14.10 -2.06
CA ARG A 39 11.27 14.01 -3.34
C ARG A 39 12.22 13.54 -4.44
N ARG A 40 11.82 12.47 -5.11
CA ARG A 40 12.63 11.78 -6.12
C ARG A 40 11.77 11.49 -7.36
N ASP A 41 12.45 11.30 -8.49
CA ASP A 41 11.81 10.84 -9.71
C ASP A 41 11.30 9.43 -9.48
N PRO A 42 9.99 9.21 -9.67
CA PRO A 42 9.40 7.90 -9.39
C PRO A 42 9.65 6.83 -10.45
N ALA A 43 9.99 7.27 -11.67
CA ALA A 43 10.11 6.37 -12.83
C ALA A 43 8.83 5.55 -13.00
N SER A 44 8.97 4.27 -13.32
CA SER A 44 7.83 3.37 -13.52
C SER A 44 6.93 3.16 -12.29
N LEU A 45 7.39 3.56 -11.10
CA LEU A 45 6.56 3.44 -9.88
C LEU A 45 5.29 4.30 -9.99
N THR A 46 5.31 5.32 -10.86
CA THR A 46 4.10 6.09 -11.20
C THR A 46 2.93 5.15 -11.53
N LYS A 47 3.20 4.08 -12.27
CA LYS A 47 2.18 3.10 -12.69
C LYS A 47 1.46 2.38 -11.56
N MET A 48 2.05 2.33 -10.37
CA MET A 48 1.31 1.89 -9.20
C MET A 48 0.07 2.75 -8.94
N MET A 49 0.19 4.07 -9.14
CA MET A 49 -0.98 4.96 -9.00
C MET A 49 -1.96 4.80 -10.16
N THR A 50 -1.46 4.64 -11.37
CA THR A 50 -2.28 4.38 -12.55
C THR A 50 -3.18 3.16 -12.32
N SER A 51 -2.56 2.09 -11.81
CA SER A 51 -3.22 0.83 -11.46
C SER A 51 -4.25 0.97 -10.32
N TYR A 52 -3.93 1.82 -9.33
CA TYR A 52 -4.87 2.13 -8.23
C TYR A 52 -6.16 2.77 -8.73
N VAL A 53 -6.03 3.83 -9.52
CA VAL A 53 -7.16 4.49 -10.19
C VAL A 53 -8.03 3.51 -11.02
N ILE A 54 -7.36 2.72 -11.86
CA ILE A 54 -8.05 1.69 -12.64
C ILE A 54 -8.74 0.68 -11.72
N GLY A 55 -8.04 0.24 -10.68
CA GLY A 55 -8.62 -0.69 -9.70
C GLY A 55 -9.82 -0.11 -8.97
N GLN A 56 -9.76 1.18 -8.66
CA GLN A 56 -10.87 1.89 -8.03
C GLN A 56 -12.07 2.01 -8.98
N ALA A 57 -11.82 2.33 -10.25
CA ALA A 57 -12.89 2.35 -11.26
C ALA A 57 -13.58 0.99 -11.40
N MET A 58 -12.81 -0.08 -11.40
CA MET A 58 -13.35 -1.44 -11.51
C MET A 58 -14.11 -1.93 -10.27
N LYS A 59 -13.62 -1.55 -9.09
CA LYS A 59 -14.30 -1.79 -7.83
C LYS A 59 -15.68 -1.11 -7.84
N ALA A 60 -15.73 0.10 -8.42
CA ALA A 60 -16.95 0.89 -8.50
C ALA A 60 -17.86 0.45 -9.65
N GLY A 61 -17.41 -0.53 -10.44
CA GLY A 61 -18.20 -1.12 -11.50
C GLY A 61 -18.27 -0.37 -12.82
N LYS A 62 -17.33 0.55 -13.04
CA LYS A 62 -17.32 1.40 -14.24
C LYS A 62 -17.06 0.57 -15.49
N PHE A 63 -16.26 -0.48 -15.35
CA PHE A 63 -16.00 -1.42 -16.43
C PHE A 63 -15.50 -2.75 -15.87
N LYS A 64 -15.46 -3.78 -16.72
CA LYS A 64 -15.06 -5.13 -16.33
C LYS A 64 -13.81 -5.54 -17.11
N GLU A 65 -13.09 -6.55 -16.61
CA GLU A 65 -11.87 -7.05 -17.27
C GLU A 65 -12.12 -7.62 -18.67
N THR A 66 -13.32 -8.12 -18.90
CA THR A 66 -13.70 -8.63 -20.22
C THR A 66 -14.05 -7.54 -21.25
N ASP A 67 -14.28 -6.32 -20.78
CA ASP A 67 -14.63 -5.19 -21.66
C ASP A 67 -13.49 -4.88 -22.65
N LEU A 68 -13.86 -4.63 -23.90
CA LEU A 68 -12.93 -4.32 -24.97
C LEU A 68 -12.62 -2.83 -25.06
N VAL A 69 -11.33 -2.50 -25.05
CA VAL A 69 -10.90 -1.13 -25.25
C VAL A 69 -10.39 -0.99 -26.68
N THR A 70 -10.94 -0.02 -27.40
CA THR A 70 -10.49 0.21 -28.76
C THR A 70 -9.32 1.18 -28.68
N ILE A 71 -8.20 0.78 -29.27
CA ILE A 71 -6.97 1.55 -29.18
C ILE A 71 -7.01 2.76 -30.12
N GLY A 72 -6.70 3.93 -29.56
CA GLY A 72 -6.58 5.16 -30.31
C GLY A 72 -5.13 5.56 -30.57
N ASN A 73 -4.97 6.64 -31.32
CA ASN A 73 -3.66 7.14 -31.76
C ASN A 73 -2.61 7.50 -30.72
N ASP A 74 -3.03 8.00 -29.56
CA ASP A 74 -2.12 8.38 -28.49
C ASP A 74 -1.52 7.16 -27.77
N ALA A 75 -2.16 6.01 -27.92
CA ALA A 75 -1.68 4.75 -27.35
C ALA A 75 -0.96 3.86 -28.39
N TRP A 76 -0.76 4.42 -29.59
CA TRP A 76 -0.02 3.74 -30.65
C TRP A 76 1.47 3.80 -30.33
N ALA A 77 2.04 2.65 -29.98
CA ALA A 77 3.42 2.59 -29.49
C ALA A 77 4.45 3.13 -30.48
N THR A 78 4.38 2.67 -31.73
CA THR A 78 5.34 3.12 -32.74
C THR A 78 4.86 4.37 -33.50
N GLY A 79 3.79 5.00 -33.01
CA GLY A 79 3.29 6.25 -33.56
C GLY A 79 3.65 7.47 -32.74
N ASN A 80 4.27 7.25 -31.58
CA ASN A 80 4.60 8.32 -30.62
C ASN A 80 6.04 8.13 -30.10
N PRO A 81 7.03 8.85 -30.68
CA PRO A 81 8.44 8.72 -30.25
C PRO A 81 8.72 8.97 -28.76
N VAL A 82 7.82 9.62 -28.05
CA VAL A 82 7.88 9.71 -26.59
C VAL A 82 8.09 8.32 -25.94
N PHE A 83 7.53 7.29 -26.57
CA PHE A 83 7.65 5.90 -26.12
C PHE A 83 8.99 5.24 -26.43
N LYS A 84 9.90 5.96 -27.08
CA LYS A 84 11.21 5.41 -27.48
C LYS A 84 12.06 4.93 -26.32
N GLY A 85 12.52 3.67 -26.43
CA GLY A 85 13.42 3.05 -25.45
C GLY A 85 12.73 2.67 -24.16
N SER A 86 11.41 2.50 -24.23
CA SER A 86 10.58 2.28 -23.05
C SER A 86 9.80 0.97 -23.15
N SER A 87 9.23 0.53 -22.03
CA SER A 87 8.42 -0.68 -21.99
C SER A 87 7.07 -0.44 -22.68
N LEU A 88 6.70 -1.37 -23.57
CA LEU A 88 5.52 -1.22 -24.45
C LEU A 88 4.84 -2.56 -24.79
N MET A 89 3.51 -2.50 -24.92
CA MET A 89 2.71 -3.63 -25.41
C MET A 89 2.73 -3.72 -26.94
N PHE A 90 3.09 -2.61 -27.57
CA PHE A 90 3.00 -2.44 -29.03
C PHE A 90 1.57 -2.46 -29.54
N LEU A 91 0.74 -1.63 -28.92
CA LEU A 91 -0.63 -1.44 -29.36
C LEU A 91 -0.62 -0.60 -30.63
N LYS A 92 -1.59 -0.85 -31.50
CA LYS A 92 -1.78 -0.07 -32.72
C LYS A 92 -3.24 0.39 -32.81
N PRO A 93 -3.51 1.55 -33.45
CA PRO A 93 -4.89 2.05 -33.48
C PRO A 93 -5.86 1.05 -34.11
N GLY A 94 -7.05 0.92 -33.53
CA GLY A 94 -8.05 0.01 -34.06
C GLY A 94 -8.09 -1.35 -33.41
N MET A 95 -6.99 -1.74 -32.75
CA MET A 95 -6.95 -2.98 -31.97
C MET A 95 -8.06 -2.90 -30.93
N GLN A 96 -8.67 -4.03 -30.64
CA GLN A 96 -9.68 -4.11 -29.61
C GLN A 96 -9.22 -5.07 -28.53
N VAL A 97 -8.77 -4.50 -27.42
CA VAL A 97 -8.04 -5.26 -26.41
C VAL A 97 -8.81 -5.27 -25.11
N PRO A 98 -9.09 -6.48 -24.57
CA PRO A 98 -9.73 -6.64 -23.26
C PRO A 98 -8.98 -5.86 -22.18
N VAL A 99 -9.72 -5.32 -21.23
CA VAL A 99 -9.16 -4.59 -20.09
C VAL A 99 -8.15 -5.49 -19.33
N SER A 100 -8.56 -6.75 -19.11
CA SER A 100 -7.70 -7.77 -18.48
C SER A 100 -6.28 -7.78 -19.05
N GLN A 101 -6.18 -7.69 -20.37
CA GLN A 101 -4.88 -7.70 -21.04
C GLN A 101 -4.11 -6.38 -20.92
N LEU A 102 -4.80 -5.26 -20.96
CA LEU A 102 -4.13 -3.95 -20.75
C LEU A 102 -3.64 -3.73 -19.31
N ILE A 103 -4.42 -4.17 -18.34
CA ILE A 103 -4.02 -4.02 -16.94
C ILE A 103 -2.85 -4.96 -16.61
N ARG A 104 -2.74 -6.08 -17.34
CA ARG A 104 -1.55 -6.93 -17.24
C ARG A 104 -0.34 -6.36 -17.99
N GLY A 105 -0.60 -5.72 -19.13
CA GLY A 105 0.44 -4.92 -19.79
C GLY A 105 1.05 -3.86 -18.88
N ILE A 106 0.18 -3.18 -18.11
CA ILE A 106 0.63 -2.17 -17.13
C ILE A 106 1.35 -2.82 -15.92
N ASN A 107 0.68 -3.75 -15.25
CA ASN A 107 1.15 -4.32 -13.98
C ASN A 107 2.38 -5.21 -14.10
N LEU A 108 2.38 -6.09 -15.10
CA LEU A 108 3.43 -7.07 -15.34
C LEU A 108 4.57 -6.49 -16.17
N GLN A 109 4.20 -5.79 -17.23
CA GLN A 109 5.16 -5.36 -18.25
C GLN A 109 5.55 -3.89 -18.14
N SER A 110 4.77 -3.09 -17.41
CA SER A 110 4.95 -1.63 -17.40
C SER A 110 4.77 -0.95 -18.77
N GLY A 111 3.87 -1.49 -19.60
CA GLY A 111 3.59 -0.94 -20.94
C GLY A 111 3.08 0.48 -20.85
N ASN A 112 3.84 1.41 -21.41
CA ASN A 112 3.48 2.83 -21.36
C ASN A 112 2.30 3.17 -22.24
N ASP A 113 2.21 2.45 -23.36
CA ASP A 113 1.10 2.59 -24.29
C ASP A 113 -0.21 2.10 -23.70
N ALA A 114 -0.15 0.98 -22.96
CA ALA A 114 -1.31 0.47 -22.21
C ALA A 114 -1.81 1.44 -21.14
N CYS A 115 -0.90 2.21 -20.52
CA CYS A 115 -1.29 3.28 -19.59
C CYS A 115 -2.18 4.35 -20.23
N VAL A 116 -1.74 4.85 -21.40
CA VAL A 116 -2.51 5.81 -22.19
C VAL A 116 -3.86 5.23 -22.59
N ALA A 117 -3.86 3.98 -23.07
CA ALA A 117 -5.07 3.34 -23.51
C ALA A 117 -6.08 3.28 -22.37
N MET A 118 -5.66 2.75 -21.22
CA MET A 118 -6.53 2.71 -20.04
C MET A 118 -6.92 4.09 -19.49
N ALA A 119 -6.02 5.07 -19.59
CA ALA A 119 -6.32 6.42 -19.07
C ALA A 119 -7.48 7.06 -19.85
N ASP A 120 -7.44 6.87 -21.17
CA ASP A 120 -8.49 7.37 -22.07
C ASP A 120 -9.78 6.62 -21.88
N PHE A 121 -9.70 5.28 -21.75
CA PHE A 121 -10.86 4.44 -21.48
C PHE A 121 -11.53 4.76 -20.15
N ALA A 122 -10.74 4.84 -19.08
CA ALA A 122 -11.24 5.13 -17.73
C ALA A 122 -11.68 6.59 -17.53
N ALA A 123 -10.97 7.53 -18.12
CA ALA A 123 -11.15 8.94 -17.75
C ALA A 123 -11.33 9.96 -18.91
N GLY A 124 -11.38 9.49 -20.15
CA GLY A 124 -11.65 10.33 -21.32
C GLY A 124 -10.43 11.02 -21.94
N SER A 125 -9.50 11.43 -21.09
CA SER A 125 -8.23 12.03 -21.49
C SER A 125 -7.14 11.73 -20.43
N GLN A 126 -5.89 11.91 -20.83
CA GLN A 126 -4.74 11.71 -19.94
C GLN A 126 -4.70 12.76 -18.83
N ASP A 127 -5.13 13.98 -19.12
CA ASP A 127 -5.18 15.05 -18.11
C ASP A 127 -6.17 14.76 -16.99
N ALA A 128 -7.37 14.34 -17.38
CA ALA A 128 -8.43 13.94 -16.45
C ALA A 128 -7.97 12.78 -15.56
N PHE A 129 -7.29 11.81 -16.16
CA PHE A 129 -6.80 10.65 -15.43
C PHE A 129 -5.72 11.07 -14.45
N VAL A 130 -4.77 11.90 -14.87
CA VAL A 130 -3.75 12.42 -13.96
C VAL A 130 -4.43 13.19 -12.81
N GLY A 131 -5.50 13.92 -13.11
CA GLY A 131 -6.31 14.55 -12.07
C GLY A 131 -6.86 13.56 -11.05
N LEU A 132 -7.34 12.40 -11.50
CA LEU A 132 -7.75 11.35 -10.58
C LEU A 132 -6.57 10.84 -9.74
N MET A 133 -5.41 10.67 -10.37
CA MET A 133 -4.20 10.21 -9.64
C MET A 133 -3.88 11.16 -8.49
N ASN A 134 -3.87 12.45 -8.80
CA ASN A 134 -3.62 13.50 -7.82
C ASN A 134 -4.71 13.65 -6.77
N SER A 135 -5.97 13.38 -7.11
CA SER A 135 -7.05 13.37 -6.10
C SER A 135 -6.85 12.25 -5.08
N TYR A 136 -6.36 11.10 -5.57
CA TYR A 136 -5.99 9.99 -4.70
C TYR A 136 -4.73 10.26 -3.88
N VAL A 137 -3.76 11.00 -4.45
CA VAL A 137 -2.67 11.53 -3.65
C VAL A 137 -3.20 12.27 -2.39
N ASN A 138 -4.16 13.17 -2.57
CA ASN A 138 -4.75 13.92 -1.46
C ASN A 138 -5.52 13.07 -0.45
N ALA A 139 -6.40 12.21 -0.96
CA ALA A 139 -7.21 11.30 -0.15
C ALA A 139 -6.36 10.37 0.74
N LEU A 140 -5.25 9.87 0.18
CA LEU A 140 -4.25 9.09 0.94
C LEU A 140 -3.35 9.95 1.83
N GLY A 141 -3.49 11.27 1.72
CA GLY A 141 -2.73 12.23 2.50
C GLY A 141 -1.22 12.20 2.29
N LEU A 142 -0.81 12.05 1.02
CA LEU A 142 0.59 11.95 0.67
C LEU A 142 1.16 13.36 0.61
N LYS A 143 2.27 13.57 1.32
CA LYS A 143 2.85 14.91 1.47
C LYS A 143 3.96 15.22 0.46
N ASN A 144 4.53 14.19 -0.17
CA ASN A 144 5.66 14.39 -1.09
C ASN A 144 5.50 13.73 -2.46
N THR A 145 4.28 13.78 -2.97
CA THR A 145 3.95 13.17 -4.25
C THR A 145 3.13 14.10 -5.14
N HIS A 146 3.48 14.12 -6.42
CA HIS A 146 2.69 14.82 -7.43
C HIS A 146 2.92 14.19 -8.80
N PHE A 147 1.83 13.86 -9.48
CA PHE A 147 1.93 13.29 -10.82
C PHE A 147 1.59 14.29 -11.92
N GLN A 148 2.23 14.13 -13.07
CA GLN A 148 1.92 14.92 -14.28
C GLN A 148 1.55 14.01 -15.48
N THR A 149 2.02 12.76 -15.43
CA THR A 149 1.90 11.75 -16.50
C THR A 149 1.16 10.50 -16.04
N VAL A 150 0.59 9.74 -16.98
CA VAL A 150 -0.08 8.47 -16.64
C VAL A 150 0.86 7.26 -16.54
N HIS A 151 2.11 7.39 -16.98
CA HIS A 151 3.04 6.24 -17.09
C HIS A 151 4.38 6.31 -16.33
N GLY A 152 4.79 7.51 -15.97
CA GLY A 152 5.98 7.66 -15.12
C GLY A 152 7.16 8.23 -15.86
N LEU A 153 6.87 8.77 -17.05
CA LEU A 153 7.88 9.40 -17.87
C LEU A 153 8.41 10.51 -16.99
N ASP A 154 9.74 10.62 -16.90
CA ASP A 154 10.37 11.75 -16.21
C ASP A 154 9.76 13.03 -16.77
N ALA A 155 8.69 13.49 -16.15
CA ALA A 155 8.06 14.76 -16.48
C ALA A 155 8.53 15.68 -15.38
N ASP A 156 8.88 16.91 -15.75
CA ASP A 156 9.72 17.76 -14.91
C ASP A 156 9.20 18.02 -13.51
N GLY A 157 7.87 18.04 -13.34
CA GLY A 157 7.30 18.38 -12.06
C GLY A 157 6.66 17.25 -11.27
N GLN A 158 6.85 16.00 -11.72
CA GLN A 158 6.35 14.84 -10.97
C GLN A 158 7.40 14.44 -9.95
N TYR A 159 6.96 13.93 -8.82
CA TYR A 159 7.87 13.41 -7.81
C TYR A 159 7.11 12.50 -6.87
N SER A 160 7.86 11.72 -6.11
CA SER A 160 7.29 10.97 -5.01
C SER A 160 8.44 10.68 -4.06
N SER A 161 8.22 9.78 -3.13
CA SER A 161 9.19 9.52 -2.07
C SER A 161 9.11 8.07 -1.67
N ALA A 162 10.12 7.58 -0.95
CA ALA A 162 10.08 6.20 -0.49
C ALA A 162 8.84 5.96 0.37
N ARG A 163 8.60 6.85 1.34
CA ARG A 163 7.41 6.74 2.20
C ARG A 163 6.13 6.72 1.36
N ASP A 164 5.97 7.71 0.49
CA ASP A 164 4.72 7.85 -0.28
C ASP A 164 4.45 6.65 -1.18
N MET A 165 5.49 6.13 -1.84
CA MET A 165 5.39 4.92 -2.65
C MET A 165 5.03 3.64 -1.88
N ALA A 166 5.61 3.45 -0.69
CA ALA A 166 5.15 2.38 0.23
C ALA A 166 3.67 2.55 0.59
N LEU A 167 3.24 3.79 0.79
CA LEU A 167 1.84 4.07 1.16
C LEU A 167 0.88 3.81 0.01
N ILE A 168 1.33 4.06 -1.23
CA ILE A 168 0.56 3.71 -2.44
C ILE A 168 0.46 2.19 -2.55
N GLY A 169 1.57 1.52 -2.24
CA GLY A 169 1.61 0.06 -2.12
C GLY A 169 0.58 -0.48 -1.16
N GLN A 170 0.59 0.04 0.05
CA GLN A 170 -0.40 -0.35 1.06
C GLN A 170 -1.86 -0.08 0.61
N ALA A 171 -2.09 1.06 -0.04
CA ALA A 171 -3.41 1.41 -0.56
C ALA A 171 -3.88 0.41 -1.61
N LEU A 172 -2.98 0.01 -2.52
CA LEU A 172 -3.31 -1.01 -3.53
C LEU A 172 -3.80 -2.35 -2.95
N ILE A 173 -3.05 -2.85 -1.95
CA ILE A 173 -3.34 -4.12 -1.28
C ILE A 173 -4.65 -4.05 -0.47
N ARG A 174 -4.81 -2.94 0.25
CA ARG A 174 -5.96 -2.70 1.10
C ARG A 174 -7.24 -2.35 0.34
N ASP A 175 -7.18 -1.35 -0.56
CA ASP A 175 -8.38 -0.80 -1.19
C ASP A 175 -8.82 -1.53 -2.42
N VAL A 176 -7.88 -2.07 -3.20
CA VAL A 176 -8.21 -2.72 -4.46
C VAL A 176 -7.56 -4.11 -4.59
N PRO A 177 -7.94 -5.06 -3.70
CA PRO A 177 -7.28 -6.37 -3.60
C PRO A 177 -7.39 -7.20 -4.89
N ASN A 178 -8.45 -7.00 -5.66
CA ASN A 178 -8.60 -7.72 -6.92
C ASN A 178 -7.60 -7.24 -7.95
N GLU A 179 -7.28 -5.95 -7.90
CA GLU A 179 -6.24 -5.38 -8.77
C GLU A 179 -4.84 -5.80 -8.28
N TYR A 180 -4.64 -5.78 -6.97
CA TYR A 180 -3.36 -6.19 -6.41
C TYR A 180 -2.99 -7.66 -6.69
N SER A 181 -3.99 -8.55 -6.64
CA SER A 181 -3.76 -9.98 -6.89
C SER A 181 -3.13 -10.29 -8.26
N ILE A 182 -3.25 -9.34 -9.20
CA ILE A 182 -2.61 -9.45 -10.52
C ILE A 182 -1.07 -9.39 -10.49
N TYR A 183 -0.50 -8.67 -9.51
CA TYR A 183 0.94 -8.38 -9.49
C TYR A 183 1.85 -9.60 -9.32
N LYS A 184 1.31 -10.68 -8.76
CA LYS A 184 2.10 -11.91 -8.55
C LYS A 184 2.17 -12.78 -9.81
N GLU A 185 1.32 -12.50 -10.80
CA GLU A 185 1.30 -13.30 -12.03
C GLU A 185 2.65 -13.19 -12.72
N LYS A 186 3.27 -14.32 -12.99
CA LYS A 186 4.63 -14.32 -13.52
C LYS A 186 4.68 -14.02 -15.01
N GLU A 187 3.58 -14.28 -15.71
CA GLU A 187 3.52 -14.02 -17.14
C GLU A 187 2.10 -13.84 -17.69
N PHE A 188 2.03 -13.24 -18.87
CA PHE A 188 0.80 -13.17 -19.62
C PHE A 188 1.12 -13.18 -21.12
N THR A 189 0.16 -13.59 -21.94
CA THR A 189 0.37 -13.61 -23.40
C THR A 189 -0.46 -12.54 -24.10
N PHE A 190 0.20 -11.72 -24.92
CA PHE A 190 -0.49 -10.75 -25.75
C PHE A 190 0.07 -10.79 -27.16
N ASN A 191 -0.84 -10.85 -28.14
CA ASN A 191 -0.51 -10.85 -29.56
C ASN A 191 0.36 -12.05 -29.95
N GLY A 192 0.07 -13.19 -29.32
CA GLY A 192 0.85 -14.41 -29.53
C GLY A 192 2.14 -14.49 -28.71
N ILE A 193 2.57 -13.36 -28.16
CA ILE A 193 3.84 -13.27 -27.46
C ILE A 193 3.70 -13.34 -25.92
N ARG A 194 4.47 -14.25 -25.33
CA ARG A 194 4.52 -14.44 -23.88
C ARG A 194 5.31 -13.29 -23.24
N GLN A 195 4.76 -12.72 -22.17
CA GLN A 195 5.42 -11.60 -21.48
C GLN A 195 5.62 -11.84 -19.98
N LEU A 196 6.89 -11.80 -19.58
CA LEU A 196 7.30 -12.03 -18.21
C LEU A 196 7.04 -10.83 -17.30
N ASN A 197 6.51 -11.10 -16.11
CA ASN A 197 6.52 -10.10 -15.03
C ASN A 197 7.95 -9.65 -14.77
N ARG A 198 8.17 -8.33 -14.83
CA ARG A 198 9.47 -7.73 -14.62
C ARG A 198 10.00 -7.76 -13.18
N ASN A 199 9.14 -8.08 -12.22
CA ASN A 199 9.56 -8.19 -10.81
C ASN A 199 10.25 -9.53 -10.54
N GLY A 200 11.56 -9.57 -10.76
CA GLY A 200 12.37 -10.77 -10.51
C GLY A 200 12.21 -11.44 -9.14
N LEU A 201 11.96 -10.66 -8.09
CA LEU A 201 11.76 -11.22 -6.73
C LEU A 201 10.63 -12.25 -6.55
N LEU A 202 9.70 -12.29 -7.52
CA LEU A 202 8.60 -13.25 -7.53
C LEU A 202 9.13 -14.69 -7.63
N TRP A 203 10.31 -14.84 -8.24
CA TRP A 203 10.97 -16.14 -8.46
C TRP A 203 11.92 -16.52 -7.32
N ASP A 204 12.05 -15.64 -6.34
CA ASP A 204 12.91 -15.90 -5.17
C ASP A 204 12.21 -16.80 -4.16
N ASN A 205 12.66 -18.05 -4.15
CA ASN A 205 12.18 -19.14 -3.29
C ASN A 205 12.26 -18.87 -1.80
N SER A 206 13.20 -18.03 -1.39
CA SER A 206 13.43 -17.76 0.03
C SER A 206 12.41 -16.80 0.67
N LEU A 207 11.64 -16.11 -0.17
CA LEU A 207 10.63 -15.15 0.27
C LEU A 207 9.28 -15.47 -0.40
N ASN A 208 8.18 -14.97 0.13
CA ASN A 208 6.92 -14.93 -0.60
C ASN A 208 6.61 -13.48 -0.96
N VAL A 209 7.27 -13.03 -2.04
CA VAL A 209 7.03 -11.72 -2.66
C VAL A 209 5.87 -11.87 -3.65
N ASP A 210 4.85 -11.00 -3.54
CA ASP A 210 3.71 -11.01 -4.49
C ASP A 210 3.45 -9.66 -5.15
N GLY A 211 4.45 -8.77 -5.08
CA GLY A 211 4.36 -7.40 -5.60
C GLY A 211 5.65 -6.64 -5.33
N ILE A 212 5.76 -5.42 -5.83
CA ILE A 212 4.68 -4.74 -6.55
C ILE A 212 5.16 -4.22 -7.90
N LYS A 213 6.20 -3.40 -7.88
CA LYS A 213 6.61 -2.63 -9.05
C LYS A 213 8.07 -2.24 -9.02
N THR A 214 8.80 -2.61 -10.07
CA THR A 214 10.17 -2.17 -10.27
C THR A 214 10.19 -0.95 -11.20
N GLY A 215 11.28 -0.20 -11.17
CA GLY A 215 11.39 0.95 -12.03
C GLY A 215 12.81 1.41 -12.27
N HIS A 216 13.03 1.98 -13.43
CA HIS A 216 14.28 2.64 -13.76
C HIS A 216 14.02 3.64 -14.89
N THR A 217 14.34 4.89 -14.60
CA THR A 217 14.62 5.89 -15.63
C THR A 217 16.01 6.42 -15.27
N ASP A 218 16.58 7.28 -16.11
CA ASP A 218 17.95 7.74 -15.86
C ASP A 218 18.11 8.83 -14.80
N LYS A 219 16.99 9.44 -14.39
CA LYS A 219 16.99 10.36 -13.25
C LYS A 219 16.63 9.64 -11.94
N ALA A 220 15.83 8.57 -12.02
CA ALA A 220 15.35 7.85 -10.84
C ALA A 220 16.35 6.86 -10.24
N GLY A 221 17.22 6.27 -11.05
CA GLY A 221 18.06 5.15 -10.59
C GLY A 221 17.21 3.90 -10.55
N TYR A 222 17.62 2.89 -9.80
CA TYR A 222 16.82 1.69 -9.62
C TYR A 222 15.80 1.85 -8.48
N ASN A 223 14.54 1.58 -8.80
CA ASN A 223 13.43 1.77 -7.89
C ASN A 223 12.65 0.49 -7.78
N LEU A 224 12.31 0.13 -6.54
CA LEU A 224 11.49 -1.05 -6.29
C LEU A 224 10.56 -0.83 -5.12
N VAL A 225 9.27 -1.15 -5.32
CA VAL A 225 8.35 -1.30 -4.22
C VAL A 225 8.00 -2.80 -4.16
N ALA A 226 8.36 -3.43 -3.05
CA ALA A 226 8.15 -4.87 -2.87
C ALA A 226 7.21 -5.13 -1.71
N SER A 227 6.41 -6.19 -1.81
CA SER A 227 5.64 -6.65 -0.66
C SER A 227 5.79 -8.16 -0.53
N ALA A 228 5.94 -8.60 0.71
CA ALA A 228 6.14 -10.01 1.02
C ALA A 228 5.39 -10.39 2.29
N THR A 229 5.03 -11.66 2.40
CA THR A 229 4.36 -12.18 3.59
C THR A 229 5.14 -13.34 4.23
N GLU A 230 4.87 -13.55 5.51
CA GLU A 230 5.43 -14.65 6.29
C GLU A 230 4.48 -14.84 7.47
N GLY A 231 3.60 -15.84 7.35
CA GLY A 231 2.54 -16.07 8.33
C GLY A 231 1.53 -14.93 8.35
N GLN A 232 1.29 -14.40 9.57
CA GLN A 232 0.33 -13.30 9.82
C GLN A 232 0.87 -11.93 9.38
N MET A 233 1.97 -11.91 8.66
CA MET A 233 2.71 -10.69 8.56
C MET A 233 3.02 -10.30 7.12
N ARG A 234 2.68 -9.06 6.79
CA ARG A 234 2.96 -8.49 5.48
C ARG A 234 3.79 -7.21 5.62
N LEU A 235 4.92 -7.21 4.92
CA LEU A 235 5.81 -6.06 4.87
C LEU A 235 5.80 -5.45 3.48
N ILE A 236 6.01 -4.15 3.45
CA ILE A 236 6.19 -3.42 2.21
C ILE A 236 7.52 -2.69 2.28
N SER A 237 8.35 -2.84 1.25
CA SER A 237 9.56 -2.05 1.15
C SER A 237 9.47 -1.11 -0.05
N ALA A 238 10.08 0.07 0.08
CA ALA A 238 10.28 0.98 -1.04
C ALA A 238 11.72 1.44 -1.04
N VAL A 239 12.43 1.16 -2.13
CA VAL A 239 13.83 1.54 -2.26
C VAL A 239 13.93 2.39 -3.52
N MET A 240 14.35 3.65 -3.35
CA MET A 240 14.46 4.56 -4.48
C MET A 240 15.87 5.09 -4.66
N GLY A 241 16.24 5.26 -5.94
CA GLY A 241 17.61 5.62 -6.29
C GLY A 241 18.63 4.56 -5.89
N GLY A 242 18.28 3.29 -6.06
CA GLY A 242 19.25 2.20 -5.98
C GLY A 242 20.38 2.46 -6.97
N ARG A 243 21.61 2.24 -6.52
CA ARG A 243 22.82 2.64 -7.27
C ARG A 243 23.31 1.64 -8.31
N THR A 244 23.23 0.36 -8.00
CA THR A 244 23.78 -0.68 -8.89
C THR A 244 22.71 -1.55 -9.53
N PHE A 245 23.04 -2.15 -10.67
CA PHE A 245 22.16 -3.14 -11.31
C PHE A 245 22.05 -4.41 -10.46
N LYS A 246 23.13 -4.73 -9.73
CA LYS A 246 23.22 -5.97 -8.93
C LYS A 246 22.53 -5.88 -7.57
N GLY A 247 22.24 -4.66 -7.13
CA GLY A 247 21.56 -4.44 -5.86
C GLY A 247 20.08 -4.34 -6.07
N ARG A 248 19.71 -4.27 -7.35
CA ARG A 248 18.34 -4.28 -7.90
C ARG A 248 17.27 -4.93 -7.02
N GLU A 249 17.46 -6.19 -6.66
CA GLU A 249 16.48 -6.95 -5.91
C GLU A 249 17.08 -7.25 -4.55
N ALA A 250 18.40 -7.44 -4.57
CA ALA A 250 19.22 -7.74 -3.40
C ALA A 250 19.07 -6.78 -2.22
N GLU A 251 19.10 -5.46 -2.48
CA GLU A 251 18.95 -4.46 -1.41
C GLU A 251 17.56 -4.51 -0.76
N SER A 252 16.53 -4.68 -1.59
CA SER A 252 15.17 -4.79 -1.07
C SER A 252 14.99 -6.08 -0.29
N LYS A 253 15.60 -7.15 -0.77
CA LYS A 253 15.57 -8.45 -0.08
C LYS A 253 16.20 -8.36 1.32
N LYS A 254 17.31 -7.64 1.41
CA LYS A 254 17.95 -7.33 2.70
C LYS A 254 17.00 -6.76 3.73
N LEU A 255 16.26 -5.71 3.36
CA LEU A 255 15.29 -5.06 4.24
C LEU A 255 14.17 -5.99 4.64
N LEU A 256 13.55 -6.66 3.68
CA LEU A 256 12.42 -7.56 3.96
C LEU A 256 12.82 -8.71 4.90
N THR A 257 13.96 -9.36 4.64
N THR A 257 13.96 -9.34 4.62
CA THR A 257 14.42 -10.49 5.45
CA THR A 257 14.47 -10.46 5.40
C THR A 257 14.76 -10.06 6.87
C THR A 257 14.73 -10.05 6.85
N TRP A 258 15.38 -8.89 6.99
CA TRP A 258 15.66 -8.26 8.29
C TRP A 258 14.38 -7.99 9.06
N GLY A 259 13.38 -7.45 8.37
CA GLY A 259 12.08 -7.16 8.98
C GLY A 259 11.39 -8.36 9.57
N PHE A 260 11.34 -9.45 8.79
CA PHE A 260 10.73 -10.72 9.22
C PHE A 260 11.50 -11.39 10.37
N ARG A 261 12.81 -11.24 10.36
CA ARG A 261 13.66 -11.80 11.41
C ARG A 261 13.45 -11.11 12.77
N PHE A 262 13.36 -9.77 12.77
CA PHE A 262 13.36 -9.04 14.03
C PHE A 262 12.00 -8.58 14.57
N PHE A 263 10.99 -8.62 13.71
CA PHE A 263 9.67 -8.12 14.07
C PHE A 263 8.55 -9.07 13.71
N GLU A 264 7.47 -8.97 14.48
CA GLU A 264 6.24 -9.69 14.19
C GLU A 264 5.00 -8.81 14.39
N THR A 265 3.92 -9.16 13.70
CA THR A 265 2.70 -8.39 13.81
C THR A 265 1.73 -9.17 14.66
N VAL A 266 1.16 -8.49 15.64
CA VAL A 266 0.14 -9.07 16.52
C VAL A 266 -1.19 -8.36 16.29
N ASN A 267 -2.28 -9.11 16.47
CA ASN A 267 -3.62 -8.59 16.34
C ASN A 267 -4.36 -8.83 17.67
N PRO A 268 -4.12 -7.96 18.68
CA PRO A 268 -4.67 -8.16 20.01
C PRO A 268 -6.18 -7.94 20.13
N LEU A 269 -6.75 -7.15 19.23
CA LEU A 269 -8.18 -6.80 19.31
C LEU A 269 -8.86 -6.60 17.97
N LYS A 270 -10.08 -7.14 17.86
CA LYS A 270 -10.89 -6.94 16.65
C LYS A 270 -12.13 -6.07 16.88
N VAL A 271 -12.54 -5.33 15.86
CA VAL A 271 -13.76 -4.51 15.88
C VAL A 271 -14.92 -5.32 16.45
N GLY A 272 -15.66 -4.70 17.38
CA GLY A 272 -16.87 -5.28 17.91
C GLY A 272 -16.71 -6.20 19.10
N LYS A 273 -15.46 -6.52 19.45
CA LYS A 273 -15.21 -7.40 20.58
C LYS A 273 -14.89 -6.60 21.86
N GLU A 274 -15.49 -7.01 22.98
CA GLU A 274 -15.35 -6.28 24.25
C GLU A 274 -13.93 -6.39 24.84
N PHE A 275 -13.35 -5.22 25.12
CA PHE A 275 -12.05 -5.10 25.77
C PHE A 275 -12.27 -4.74 27.24
N ALA A 276 -13.29 -3.92 27.48
CA ALA A 276 -13.58 -3.37 28.79
C ALA A 276 -15.08 -3.12 28.95
N SER A 277 -15.53 -3.04 30.20
CA SER A 277 -16.90 -2.68 30.53
C SER A 277 -16.86 -1.62 31.61
N GLU A 278 -17.78 -0.65 31.51
CA GLU A 278 -17.88 0.42 32.49
C GLU A 278 -19.34 0.73 32.79
N PRO A 279 -19.65 1.06 34.06
CA PRO A 279 -21.02 1.49 34.41
C PRO A 279 -21.47 2.69 33.59
N VAL A 280 -22.77 2.75 33.30
CA VAL A 280 -23.34 3.91 32.62
C VAL A 280 -24.51 4.45 33.44
N TRP A 281 -24.71 5.77 33.41
CA TRP A 281 -25.83 6.41 34.07
C TRP A 281 -26.90 6.84 33.05
N PHE A 282 -28.16 6.80 33.47
CA PHE A 282 -29.32 7.29 32.67
C PHE A 282 -29.66 6.42 31.46
N GLY A 283 -29.12 5.21 31.41
CA GLY A 283 -29.24 4.36 30.22
C GLY A 283 -30.33 3.33 30.25
N ASP A 284 -30.63 2.76 29.08
CA ASP A 284 -31.54 1.62 28.95
C ASP A 284 -30.87 0.32 29.43
N SER A 285 -29.54 0.33 29.51
CA SER A 285 -28.79 -0.69 30.25
C SER A 285 -27.80 -0.04 31.25
N ASP A 286 -27.27 -0.86 32.15
CA ASP A 286 -26.41 -0.35 33.25
C ASP A 286 -24.92 -0.39 32.96
N ARG A 287 -24.53 -1.01 31.85
CA ARG A 287 -23.11 -1.11 31.48
C ARG A 287 -22.82 -0.95 29.99
N ALA A 288 -21.73 -0.22 29.71
CA ALA A 288 -21.25 0.00 28.35
C ALA A 288 -20.18 -1.03 27.97
N SER A 289 -20.35 -1.65 26.81
CA SER A 289 -19.34 -2.55 26.24
C SER A 289 -18.37 -1.73 25.41
N LEU A 290 -17.08 -1.80 25.74
CA LEU A 290 -16.07 -0.95 25.13
C LEU A 290 -14.99 -1.73 24.38
N GLY A 291 -14.58 -1.19 23.24
CA GLY A 291 -13.50 -1.78 22.44
C GLY A 291 -13.05 -0.82 21.36
N VAL A 292 -12.93 -1.30 20.13
CA VAL A 292 -12.39 -0.47 19.03
C VAL A 292 -13.32 -0.45 17.82
N ASP A 293 -13.17 0.54 16.94
CA ASP A 293 -13.93 0.59 15.67
C ASP A 293 -13.09 0.23 14.44
N LYS A 294 -11.86 -0.22 14.68
CA LYS A 294 -10.92 -0.64 13.64
C LYS A 294 -10.01 -1.70 14.26
N ASP A 295 -9.76 -2.78 13.51
CA ASP A 295 -8.91 -3.88 13.99
C ASP A 295 -7.56 -3.35 14.46
N VAL A 296 -7.13 -3.81 15.62
CA VAL A 296 -5.83 -3.39 16.16
C VAL A 296 -4.72 -4.30 15.64
N TYR A 297 -3.77 -3.71 14.91
CA TYR A 297 -2.52 -4.39 14.58
C TYR A 297 -1.33 -3.61 15.14
N LEU A 298 -0.43 -4.37 15.78
CA LEU A 298 0.81 -3.85 16.34
C LEU A 298 2.00 -4.59 15.77
N THR A 299 3.08 -3.86 15.51
CA THR A 299 4.37 -4.48 15.20
C THR A 299 5.28 -4.28 16.41
N ILE A 300 5.84 -5.39 16.88
CA ILE A 300 6.68 -5.43 18.08
C ILE A 300 7.93 -6.28 17.80
N PRO A 301 8.94 -6.25 18.69
CA PRO A 301 10.07 -7.15 18.42
C PRO A 301 9.60 -8.62 18.39
N ARG A 302 10.10 -9.40 17.43
CA ARG A 302 9.75 -10.81 17.34
C ARG A 302 10.02 -11.54 18.66
N GLY A 303 9.04 -12.34 19.09
CA GLY A 303 9.16 -13.11 20.34
C GLY A 303 8.45 -12.50 21.53
N ARG A 304 8.34 -11.17 21.55
CA ARG A 304 7.79 -10.40 22.67
C ARG A 304 6.27 -10.44 22.83
N MET A 305 5.59 -11.18 21.96
CA MET A 305 4.11 -11.28 21.97
C MET A 305 3.51 -11.57 23.34
N LYS A 306 4.08 -12.53 24.05
CA LYS A 306 3.59 -12.88 25.39
C LYS A 306 3.99 -11.88 26.50
N ASP A 307 4.79 -10.86 26.17
CA ASP A 307 5.14 -9.78 27.11
C ASP A 307 4.20 -8.55 26.97
N LEU A 308 3.38 -8.56 25.92
CA LEU A 308 2.48 -7.44 25.64
C LEU A 308 1.39 -7.32 26.71
N LYS A 309 1.22 -6.12 27.23
CA LYS A 309 0.21 -5.81 28.24
C LYS A 309 -0.74 -4.75 27.68
N ALA A 310 -2.01 -4.83 28.05
CA ALA A 310 -2.95 -3.81 27.63
C ALA A 310 -3.71 -3.30 28.84
N SER A 311 -3.94 -2.00 28.85
CA SER A 311 -4.72 -1.33 29.86
C SER A 311 -5.49 -0.17 29.18
N TYR A 312 -6.29 0.56 29.95
CA TYR A 312 -7.08 1.64 29.38
C TYR A 312 -7.30 2.81 30.35
N VAL A 313 -7.54 4.00 29.79
CA VAL A 313 -7.90 5.19 30.57
C VAL A 313 -9.17 5.76 29.99
N LEU A 314 -9.91 6.51 30.81
CA LEU A 314 -11.18 7.11 30.40
C LEU A 314 -11.08 8.63 30.34
N ASN A 315 -11.73 9.21 29.33
CA ASN A 315 -11.83 10.68 29.17
C ASN A 315 -12.59 11.34 30.31
N SER A 316 -13.65 10.66 30.77
CA SER A 316 -14.52 11.24 31.77
C SER A 316 -14.66 10.34 32.98
N SER A 317 -14.83 10.97 34.15
CA SER A 317 -15.11 10.28 35.39
C SER A 317 -16.29 9.32 35.25
N GLU A 318 -17.35 9.79 34.59
CA GLU A 318 -18.61 9.05 34.47
C GLU A 318 -19.07 8.94 33.02
N LEU A 319 -19.71 7.81 32.70
CA LEU A 319 -20.37 7.60 31.41
C LEU A 319 -21.85 7.91 31.55
N HIS A 320 -22.33 8.82 30.72
CA HIS A 320 -23.73 9.26 30.72
C HIS A 320 -24.40 8.99 29.36
N ALA A 321 -25.51 8.25 29.41
CA ALA A 321 -26.34 8.01 28.24
C ALA A 321 -27.05 9.30 27.86
N PRO A 322 -27.36 9.47 26.56
CA PRO A 322 -27.12 8.49 25.51
C PRO A 322 -25.65 8.33 25.10
N LEU A 323 -25.25 7.09 24.86
CA LEU A 323 -23.98 6.76 24.23
C LEU A 323 -24.25 6.26 22.82
N GLN A 324 -23.62 6.92 21.85
CA GLN A 324 -23.63 6.49 20.46
C GLN A 324 -22.62 5.38 20.20
N LYS A 325 -23.00 4.41 19.37
CA LYS A 325 -22.05 3.42 18.86
C LYS A 325 -20.78 4.12 18.31
N ASN A 326 -19.62 3.58 18.67
CA ASN A 326 -18.31 4.14 18.29
C ASN A 326 -17.95 5.51 18.88
N GLN A 327 -18.73 5.95 19.85
CA GLN A 327 -18.41 7.14 20.63
C GLN A 327 -17.13 6.88 21.40
N VAL A 328 -16.16 7.78 21.25
CA VAL A 328 -14.85 7.65 21.91
C VAL A 328 -14.97 8.11 23.37
N VAL A 329 -14.51 7.25 24.27
CA VAL A 329 -14.69 7.47 25.72
C VAL A 329 -13.38 7.30 26.47
N GLY A 330 -12.33 6.95 25.73
CA GLY A 330 -11.02 6.76 26.33
C GLY A 330 -9.97 6.34 25.33
N THR A 331 -8.92 5.70 25.85
CA THR A 331 -7.75 5.29 25.08
C THR A 331 -7.22 3.97 25.64
N ILE A 332 -7.00 2.99 24.77
CA ILE A 332 -6.34 1.74 25.14
C ILE A 332 -4.82 1.92 25.02
N ASN A 333 -4.09 1.59 26.08
CA ASN A 333 -2.63 1.57 26.05
C ASN A 333 -2.10 0.15 25.91
N PHE A 334 -1.27 -0.11 24.89
CA PHE A 334 -0.53 -1.37 24.79
C PHE A 334 0.92 -1.09 25.21
N GLN A 335 1.44 -1.94 26.09
CA GLN A 335 2.73 -1.70 26.71
C GLN A 335 3.69 -2.88 26.57
N LEU A 336 4.97 -2.55 26.43
CA LEU A 336 6.05 -3.53 26.61
C LEU A 336 7.01 -3.00 27.66
N ASP A 337 7.51 -3.91 28.51
CA ASP A 337 8.41 -3.55 29.62
C ASP A 337 7.89 -2.34 30.44
N GLY A 338 6.59 -2.32 30.74
CA GLY A 338 5.96 -1.24 31.52
C GLY A 338 5.80 0.11 30.81
N LYS A 339 6.18 0.18 29.54
CA LYS A 339 6.11 1.43 28.77
C LYS A 339 5.09 1.33 27.65
N THR A 340 4.23 2.35 27.53
CA THR A 340 3.27 2.43 26.43
C THR A 340 3.97 2.56 25.08
N ILE A 341 3.73 1.58 24.21
CA ILE A 341 4.30 1.59 22.87
C ILE A 341 3.30 1.98 21.78
N GLU A 342 2.01 1.74 22.03
CA GLU A 342 0.92 1.98 21.06
C GLU A 342 -0.37 2.38 21.79
N GLN A 343 -1.10 3.33 21.21
CA GLN A 343 -2.39 3.77 21.72
C GLN A 343 -3.48 3.65 20.66
N ARG A 344 -4.66 3.23 21.07
CA ARG A 344 -5.82 3.19 20.19
C ARG A 344 -7.02 3.76 20.92
N PRO A 345 -7.92 4.45 20.18
CA PRO A 345 -9.14 4.97 20.79
C PRO A 345 -10.04 3.85 21.29
N LEU A 346 -10.50 3.99 22.54
CA LEU A 346 -11.52 3.12 23.15
C LEU A 346 -12.91 3.71 22.91
N VAL A 347 -13.81 2.87 22.38
CA VAL A 347 -15.13 3.29 21.85
C VAL A 347 -16.29 2.44 22.39
N VAL A 348 -17.49 3.01 22.34
CA VAL A 348 -18.69 2.29 22.75
C VAL A 348 -19.09 1.35 21.62
N LEU A 349 -19.20 0.05 21.91
CA LEU A 349 -19.46 -0.98 20.89
C LEU A 349 -20.93 -1.15 20.51
N GLN A 350 -21.80 -1.00 21.52
CA GLN A 350 -23.25 -1.13 21.35
C GLN A 350 -23.91 0.09 21.96
N GLU A 351 -24.72 0.79 21.16
CA GLU A 351 -25.40 2.03 21.54
C GLU A 351 -26.20 1.91 22.84
N ILE A 352 -26.13 2.96 23.66
CA ILE A 352 -26.94 3.02 24.88
C ILE A 352 -27.76 4.30 24.81
N PRO A 353 -29.03 4.19 24.42
CA PRO A 353 -29.88 5.37 24.50
C PRO A 353 -30.34 5.59 25.95
N GLU A 354 -30.82 6.80 26.25
CA GLU A 354 -31.41 7.10 27.56
C GLU A 354 -32.50 6.10 27.89
N GLY A 355 -32.62 5.74 29.17
CA GLY A 355 -33.63 4.79 29.63
C GLY A 355 -35.04 5.15 29.23
N ASN A 356 -35.82 4.14 28.85
CA ASN A 356 -37.22 4.31 28.48
C ASN A 356 -38.10 3.36 29.31
N PHE A 357 -38.82 3.92 30.27
CA PHE A 357 -39.59 3.11 31.20
C PHE A 357 -41.05 3.56 31.24
#